data_6FX4
#
_entry.id   6FX4
#
_cell.length_a   38.630
_cell.length_b   45.950
_cell.length_c   70.460
_cell.angle_alpha   108.920
_cell.angle_beta   94.430
_cell.angle_gamma   106.750
#
_symmetry.space_group_name_H-M   'P 1'
#
loop_
_entity.id
_entity.type
_entity.pdbx_description
1 polymer 'E3 ubiquitin-protein ligase SMURF2'
2 polymer Polyubiquitin-B
3 non-polymer GLYCEROL
4 water water
#
loop_
_entity_poly.entity_id
_entity_poly.type
_entity_poly.pdbx_seq_one_letter_code
_entity_poly.pdbx_strand_id
1 'polypeptide(L)'
;GAMGKIDVNDWKVNTRLKHATPDSNIVKWFWKAVEFFDEERRARLLQFVTGSSRVPLQGFKALQGAAGPRLFTIHQIDAN
TNNLPKAHTCFNRIDIPPYESYEKLYEKLLTAIEETSGFAVE
;
A,C
2 'polypeptide(L)' MQIFVKTLTGKTITLEVEPSDTIENVKAKIQDKEGIPPDQQRLIFAGKQLEDGRTLSDYNIQKESTLHLVLRLRGC B,D
#
# COMPACT_ATOMS: atom_id res chain seq x y z
N ALA A 2 6.81 -1.34 -34.84
CA ALA A 2 6.69 -1.37 -33.39
C ALA A 2 7.82 -2.20 -32.78
N MET A 3 8.77 -1.52 -32.14
CA MET A 3 9.92 -2.19 -31.55
C MET A 3 9.48 -2.99 -30.32
N GLY A 4 10.09 -4.17 -30.15
CA GLY A 4 9.70 -5.03 -29.05
C GLY A 4 10.43 -4.76 -27.75
N LYS A 5 11.06 -3.60 -27.64
CA LYS A 5 11.83 -3.22 -26.48
C LYS A 5 11.07 -2.20 -25.65
N ILE A 6 11.10 -2.36 -24.32
CA ILE A 6 10.51 -1.35 -23.45
C ILE A 6 11.38 -0.10 -23.48
N ASP A 7 10.77 1.05 -23.75
CA ASP A 7 11.49 2.31 -23.79
C ASP A 7 11.79 2.74 -22.37
N VAL A 8 13.02 2.45 -21.92
CA VAL A 8 13.40 2.71 -20.53
C VAL A 8 13.51 4.21 -20.26
N ASN A 9 13.94 5.00 -21.26
CA ASN A 9 13.96 6.44 -21.08
C ASN A 9 12.56 6.99 -20.88
N ASP A 10 11.61 6.52 -21.70
CA ASP A 10 10.20 6.86 -21.49
C ASP A 10 9.73 6.40 -20.12
N TRP A 11 10.19 5.22 -19.70
CA TRP A 11 9.86 4.72 -18.36
C TRP A 11 10.43 5.62 -17.27
N LYS A 12 11.71 5.95 -17.37
CA LYS A 12 12.37 6.75 -16.34
C LYS A 12 11.80 8.16 -16.27
N VAL A 13 11.62 8.80 -17.43
CA VAL A 13 11.16 10.19 -17.44
C VAL A 13 9.73 10.32 -16.92
N ASN A 14 8.93 9.26 -17.02
CA ASN A 14 7.53 9.30 -16.58
C ASN A 14 7.33 8.52 -15.28
N THR A 15 8.38 8.40 -14.48
CA THR A 15 8.29 7.76 -13.18
C THR A 15 8.32 8.83 -12.09
N ARG A 16 7.34 8.80 -11.20
CA ARG A 16 7.33 9.67 -10.04
C ARG A 16 8.02 8.96 -8.87
N LEU A 17 8.62 9.76 -7.99
CA LEU A 17 9.32 9.25 -6.83
C LEU A 17 8.61 9.70 -5.57
N LYS A 18 8.49 8.79 -4.61
CA LYS A 18 7.79 9.04 -3.37
C LYS A 18 8.74 8.76 -2.21
N HIS A 19 9.00 9.79 -1.40
CA HIS A 19 9.93 9.71 -0.28
C HIS A 19 11.32 9.30 -0.77
N ALA A 20 11.72 9.86 -1.91
CA ALA A 20 13.01 9.60 -2.51
C ALA A 20 13.24 10.63 -3.60
N THR A 21 14.52 10.81 -3.97
CA THR A 21 14.91 11.73 -5.02
C THR A 21 15.69 10.94 -6.08
N PRO A 22 15.99 11.54 -7.24
CA PRO A 22 16.87 10.84 -8.20
C PRO A 22 18.24 10.53 -7.62
N ASP A 23 18.64 11.17 -6.51
CA ASP A 23 19.90 10.90 -5.84
C ASP A 23 19.78 9.81 -4.78
N SER A 24 18.58 9.34 -4.49
CA SER A 24 18.42 8.27 -3.51
C SER A 24 19.04 6.98 -4.03
N ASN A 25 19.67 6.23 -3.13
CA ASN A 25 20.40 5.02 -3.53
C ASN A 25 19.48 4.00 -4.17
N ILE A 26 18.30 3.77 -3.57
CA ILE A 26 17.39 2.74 -4.08
C ILE A 26 16.84 3.13 -5.45
N VAL A 27 16.80 4.42 -5.77
CA VAL A 27 16.38 4.83 -7.11
C VAL A 27 17.49 4.59 -8.12
N LYS A 28 18.71 5.02 -7.79
CA LYS A 28 19.84 4.78 -8.69
C LYS A 28 20.08 3.28 -8.85
N TRP A 29 19.95 2.51 -7.77
CA TRP A 29 20.14 1.07 -7.86
C TRP A 29 19.01 0.41 -8.64
N PHE A 30 17.77 0.92 -8.49
CA PHE A 30 16.65 0.39 -9.25
C PHE A 30 16.90 0.50 -10.74
N TRP A 31 17.31 1.67 -11.21
CA TRP A 31 17.47 1.88 -12.64
C TRP A 31 18.71 1.19 -13.17
N LYS A 32 19.76 1.08 -12.35
CA LYS A 32 20.90 0.26 -12.74
C LYS A 32 20.50 -1.19 -12.92
N ALA A 33 19.64 -1.70 -12.03
CA ALA A 33 19.14 -3.06 -12.18
C ALA A 33 18.32 -3.21 -13.45
N VAL A 34 17.47 -2.23 -13.75
CA VAL A 34 16.70 -2.24 -14.99
C VAL A 34 17.64 -2.23 -16.20
N GLU A 35 18.73 -1.46 -16.11
CA GLU A 35 19.67 -1.38 -17.21
C GLU A 35 20.35 -2.72 -17.46
N PHE A 36 20.59 -3.50 -16.40
CA PHE A 36 21.20 -4.81 -16.54
C PHE A 36 20.20 -5.94 -16.66
N PHE A 37 18.91 -5.67 -16.47
CA PHE A 37 17.89 -6.67 -16.76
C PHE A 37 17.79 -6.86 -18.26
N ASP A 38 17.75 -8.12 -18.70
CA ASP A 38 17.41 -8.38 -20.08
C ASP A 38 15.93 -8.06 -20.31
N GLU A 39 15.48 -8.23 -21.57
CA GLU A 39 14.12 -7.82 -21.91
C GLU A 39 13.08 -8.61 -21.13
N GLU A 40 13.32 -9.90 -20.89
CA GLU A 40 12.36 -10.70 -20.13
C GLU A 40 12.19 -10.15 -18.73
N ARG A 41 13.29 -9.85 -18.04
CA ARG A 41 13.20 -9.35 -16.67
C ARG A 41 12.60 -7.96 -16.62
N ARG A 42 12.84 -7.13 -17.63
CA ARG A 42 12.19 -5.82 -17.68
C ARG A 42 10.68 -5.97 -17.82
N ALA A 43 10.24 -6.87 -18.70
CA ALA A 43 8.80 -7.12 -18.84
C ALA A 43 8.22 -7.74 -17.57
N ARG A 44 8.93 -8.69 -16.96
CA ARG A 44 8.47 -9.26 -15.70
C ARG A 44 8.38 -8.20 -14.61
N LEU A 45 9.28 -7.21 -14.64
CA LEU A 45 9.22 -6.13 -13.67
C LEU A 45 8.04 -5.21 -13.94
N LEU A 46 7.83 -4.85 -15.21
CA LEU A 46 6.69 -3.99 -15.57
C LEU A 46 5.36 -4.64 -15.21
N GLN A 47 5.22 -5.95 -15.44
CA GLN A 47 3.96 -6.60 -15.08
C GLN A 47 3.84 -6.78 -13.58
N PHE A 48 4.97 -7.01 -12.88
CA PHE A 48 4.92 -7.12 -11.43
C PHE A 48 4.33 -5.86 -10.81
N VAL A 49 4.70 -4.70 -11.31
CA VAL A 49 4.27 -3.45 -10.71
C VAL A 49 2.92 -2.98 -11.26
N THR A 50 2.63 -3.22 -12.54
CA THR A 50 1.45 -2.63 -13.17
C THR A 50 0.37 -3.62 -13.56
N GLY A 51 0.67 -4.93 -13.63
CA GLY A 51 -0.32 -5.90 -14.04
C GLY A 51 -0.26 -6.35 -15.49
N SER A 52 0.55 -5.68 -16.32
CA SER A 52 0.76 -6.11 -17.69
C SER A 52 2.15 -5.65 -18.13
N SER A 53 2.68 -6.33 -19.14
CA SER A 53 3.99 -5.98 -19.67
C SER A 53 3.93 -5.00 -20.84
N ARG A 54 2.74 -4.59 -21.26
CA ARG A 54 2.59 -3.66 -22.37
C ARG A 54 2.31 -2.25 -21.88
N VAL A 55 2.96 -1.29 -22.51
CA VAL A 55 2.83 0.15 -22.23
C VAL A 55 1.74 0.71 -23.14
N PRO A 56 0.98 1.71 -22.70
CA PRO A 56 0.04 2.37 -23.63
C PRO A 56 0.77 2.96 -24.83
N LEU A 57 -0.02 3.29 -25.86
CA LEU A 57 0.57 3.75 -27.12
C LEU A 57 1.32 5.06 -26.95
N GLN A 58 0.89 5.92 -26.05
CA GLN A 58 1.55 7.20 -25.83
C GLN A 58 2.65 7.11 -24.79
N GLY A 59 2.99 5.91 -24.35
CA GLY A 59 4.08 5.72 -23.41
C GLY A 59 3.64 5.79 -21.97
N PHE A 60 4.66 5.85 -21.10
CA PHE A 60 4.44 5.79 -19.67
C PHE A 60 3.75 7.03 -19.12
N LYS A 61 3.73 8.13 -19.88
CA LYS A 61 3.02 9.32 -19.42
C LYS A 61 1.51 9.12 -19.37
N ALA A 62 0.99 8.16 -20.13
CA ALA A 62 -0.44 7.87 -20.18
C ALA A 62 -0.82 6.66 -19.35
N LEU A 63 0.06 6.23 -18.43
CA LEU A 63 -0.20 5.04 -17.64
C LEU A 63 -1.45 5.20 -16.79
N GLN A 64 -2.28 4.17 -16.78
CA GLN A 64 -3.55 4.19 -16.08
C GLN A 64 -3.53 3.19 -14.92
N GLY A 65 -4.22 3.55 -13.85
CA GLY A 65 -4.51 2.63 -12.76
C GLY A 65 -5.94 2.12 -12.86
N ALA A 66 -6.34 1.40 -11.81
CA ALA A 66 -7.70 0.88 -11.77
C ALA A 66 -8.73 2.02 -11.74
N ALA A 67 -8.39 3.13 -11.09
CA ALA A 67 -9.33 4.24 -10.92
C ALA A 67 -8.88 5.51 -11.64
N GLY A 68 -8.05 5.39 -12.67
CA GLY A 68 -7.65 6.53 -13.46
C GLY A 68 -6.16 6.64 -13.66
N PRO A 69 -5.69 7.82 -14.07
CA PRO A 69 -4.26 7.99 -14.38
C PRO A 69 -3.39 7.79 -13.16
N ARG A 70 -2.47 6.82 -13.26
CA ARG A 70 -1.53 6.52 -12.18
C ARG A 70 -0.16 6.31 -12.83
N LEU A 71 0.71 7.29 -12.69
CA LEU A 71 2.06 7.16 -13.22
C LEU A 71 2.85 6.13 -12.43
N PHE A 72 3.77 5.47 -13.13
CA PHE A 72 4.66 4.52 -12.48
C PHE A 72 5.41 5.21 -11.35
N THR A 73 5.36 4.62 -10.16
CA THR A 73 5.86 5.28 -8.96
C THR A 73 6.77 4.34 -8.19
N ILE A 74 8.00 4.78 -7.95
CA ILE A 74 8.91 4.14 -7.03
C ILE A 74 8.76 4.81 -5.68
N HIS A 75 8.43 4.03 -4.66
CA HIS A 75 8.15 4.55 -3.32
C HIS A 75 9.12 3.91 -2.34
N GLN A 76 10.03 4.72 -1.79
CA GLN A 76 10.92 4.24 -0.74
C GLN A 76 10.14 4.23 0.58
N ILE A 77 10.11 3.06 1.22
CA ILE A 77 9.29 2.86 2.40
C ILE A 77 10.19 2.64 3.61
N ASP A 78 9.66 2.97 4.79
CA ASP A 78 10.34 2.70 6.06
C ASP A 78 9.93 1.31 6.50
N ALA A 79 10.65 0.31 5.97
CA ALA A 79 10.34 -1.08 6.25
C ALA A 79 11.62 -1.85 6.53
N ASN A 80 11.47 -3.02 7.13
CA ASN A 80 12.60 -3.88 7.42
C ASN A 80 13.21 -4.35 6.10
N THR A 81 14.54 -4.23 5.99
CA THR A 81 15.22 -4.45 4.72
C THR A 81 15.22 -5.90 4.26
N ASN A 82 14.66 -6.83 5.05
CA ASN A 82 14.46 -8.19 4.54
C ASN A 82 13.24 -8.28 3.64
N ASN A 83 12.33 -7.31 3.71
CA ASN A 83 11.16 -7.30 2.86
C ASN A 83 11.56 -7.24 1.40
N LEU A 84 10.93 -8.08 0.57
CA LEU A 84 11.04 -7.93 -0.86
C LEU A 84 10.25 -6.70 -1.29
N PRO A 85 10.52 -6.16 -2.49
CA PRO A 85 9.71 -5.03 -2.97
C PRO A 85 8.23 -5.39 -3.01
N LYS A 86 7.40 -4.41 -2.66
CA LYS A 86 5.96 -4.56 -2.67
C LYS A 86 5.42 -3.87 -3.92
N ALA A 87 4.37 -4.44 -4.52
CA ALA A 87 3.75 -3.83 -5.69
C ALA A 87 2.26 -3.65 -5.44
N HIS A 88 1.72 -2.56 -5.96
CA HIS A 88 0.29 -2.26 -5.92
C HIS A 88 -0.14 -2.03 -7.35
N THR A 89 -0.55 -3.09 -8.04
CA THR A 89 -0.80 -3.00 -9.47
C THR A 89 -2.00 -2.13 -9.81
N CYS A 90 -2.92 -1.92 -8.87
CA CYS A 90 -4.07 -1.09 -9.17
C CYS A 90 -3.73 0.39 -9.24
N PHE A 91 -2.53 0.80 -8.80
CA PHE A 91 -2.06 2.16 -9.10
C PHE A 91 -0.56 2.19 -9.41
N ASN A 92 -0.01 1.09 -9.91
CA ASN A 92 1.31 1.06 -10.57
C ASN A 92 2.42 1.60 -9.67
N ARG A 93 2.45 1.17 -8.41
CA ARG A 93 3.48 1.60 -7.47
C ARG A 93 4.26 0.41 -6.94
N ILE A 94 5.56 0.59 -6.77
CA ILE A 94 6.42 -0.39 -6.14
C ILE A 94 7.02 0.21 -4.87
N ASP A 95 6.87 -0.49 -3.75
CA ASP A 95 7.37 -0.04 -2.46
C ASP A 95 8.67 -0.76 -2.14
N ILE A 96 9.75 0.00 -1.97
CA ILE A 96 11.09 -0.55 -1.84
C ILE A 96 11.68 -0.12 -0.49
N PRO A 97 12.10 -1.05 0.36
CA PRO A 97 12.78 -0.68 1.61
C PRO A 97 14.13 -0.06 1.32
N PRO A 98 14.72 0.66 2.28
CA PRO A 98 16.05 1.28 2.04
C PRO A 98 17.18 0.26 2.13
N TYR A 99 17.29 -0.55 1.08
CA TYR A 99 18.27 -1.63 1.06
C TYR A 99 19.69 -1.10 1.24
N GLU A 100 20.55 -1.92 1.85
CA GLU A 100 21.87 -1.49 2.24
C GLU A 100 22.87 -1.46 1.08
N SER A 101 22.61 -2.19 -0.01
CA SER A 101 23.53 -2.22 -1.14
C SER A 101 22.74 -2.41 -2.42
N TYR A 102 23.38 -2.08 -3.54
CA TYR A 102 22.80 -2.39 -4.84
C TYR A 102 22.61 -3.89 -5.00
N GLU A 103 23.57 -4.68 -4.50
CA GLU A 103 23.45 -6.13 -4.59
C GLU A 103 22.18 -6.64 -3.93
N LYS A 104 21.85 -6.11 -2.74
CA LYS A 104 20.67 -6.60 -2.03
C LYS A 104 19.39 -6.22 -2.77
N LEU A 105 19.25 -4.94 -3.14
CA LEU A 105 18.10 -4.54 -3.94
C LEU A 105 17.99 -5.38 -5.20
N TYR A 106 19.11 -5.60 -5.88
CA TYR A 106 19.12 -6.36 -7.13
C TYR A 106 18.56 -7.75 -6.92
N GLU A 107 19.05 -8.47 -5.91
CA GLU A 107 18.58 -9.83 -5.69
C GLU A 107 17.14 -9.85 -5.19
N LYS A 108 16.81 -8.98 -4.23
CA LYS A 108 15.42 -8.91 -3.74
C LYS A 108 14.45 -8.63 -4.89
N LEU A 109 14.77 -7.65 -5.73
CA LEU A 109 13.89 -7.30 -6.84
C LEU A 109 13.75 -8.47 -7.81
N LEU A 110 14.87 -9.10 -8.16
CA LEU A 110 14.84 -10.25 -9.05
C LEU A 110 13.99 -11.38 -8.46
N THR A 111 14.13 -11.63 -7.16
CA THR A 111 13.31 -12.64 -6.51
C THR A 111 11.83 -12.28 -6.58
N ALA A 112 11.51 -11.00 -6.39
CA ALA A 112 10.12 -10.57 -6.40
C ALA A 112 9.46 -10.80 -7.74
N ILE A 113 10.13 -10.40 -8.83
CA ILE A 113 9.52 -10.50 -10.15
C ILE A 113 9.62 -11.91 -10.73
N GLU A 114 10.52 -12.74 -10.25
CA GLU A 114 10.69 -14.09 -10.78
C GLU A 114 9.89 -15.14 -10.03
N GLU A 115 9.55 -14.90 -8.77
CA GLU A 115 8.82 -15.87 -7.95
C GLU A 115 7.38 -15.45 -7.74
N THR A 116 6.85 -14.59 -8.61
CA THR A 116 5.48 -14.11 -8.55
C THR A 116 4.74 -14.57 -9.79
N SER A 117 3.64 -15.30 -9.60
CA SER A 117 2.75 -15.73 -10.69
C SER A 117 3.50 -16.54 -11.75
N MET B 1 12.04 -33.65 12.18
CA MET B 1 11.86 -34.31 10.89
C MET B 1 12.29 -33.41 9.75
N GLN B 2 11.92 -33.78 8.53
CA GLN B 2 12.35 -33.04 7.34
C GLN B 2 11.18 -32.86 6.39
N ILE B 3 10.96 -31.63 5.94
CA ILE B 3 9.97 -31.31 4.93
C ILE B 3 10.62 -30.44 3.87
N PHE B 4 9.96 -30.36 2.71
CA PHE B 4 10.43 -29.56 1.59
C PHE B 4 9.43 -28.44 1.30
N VAL B 5 9.95 -27.29 0.92
CA VAL B 5 9.14 -26.13 0.53
C VAL B 5 9.56 -25.74 -0.88
N LYS B 6 8.69 -25.97 -1.85
CA LYS B 6 8.98 -25.74 -3.26
C LYS B 6 8.47 -24.37 -3.68
N THR B 7 9.34 -23.57 -4.27
CA THR B 7 8.95 -22.24 -4.73
C THR B 7 8.26 -22.34 -6.09
N LEU B 8 7.92 -21.17 -6.65
CA LEU B 8 7.21 -21.14 -7.91
C LEU B 8 8.10 -21.58 -9.07
N THR B 9 9.40 -21.30 -8.99
CA THR B 9 10.36 -21.68 -10.03
C THR B 9 10.96 -23.07 -9.82
N GLY B 10 10.38 -23.88 -8.93
CA GLY B 10 10.89 -25.20 -8.64
C GLY B 10 11.99 -25.28 -7.61
N LYS B 11 12.49 -24.15 -7.11
CA LYS B 11 13.51 -24.18 -6.06
C LYS B 11 12.96 -24.87 -4.81
N THR B 12 13.68 -25.88 -4.34
CA THR B 12 13.24 -26.70 -3.21
C THR B 12 14.06 -26.37 -1.98
N ILE B 13 13.37 -26.12 -0.87
CA ILE B 13 14.00 -25.74 0.40
C ILE B 13 13.75 -26.84 1.41
N THR B 14 14.83 -27.32 2.04
CA THR B 14 14.76 -28.37 3.06
C THR B 14 14.76 -27.73 4.44
N LEU B 15 13.72 -28.01 5.22
CA LEU B 15 13.60 -27.49 6.58
C LEU B 15 13.63 -28.64 7.57
N GLU B 16 14.23 -28.39 8.74
CA GLU B 16 14.18 -29.31 9.86
C GLU B 16 13.08 -28.82 10.79
N VAL B 17 12.01 -29.59 10.89
CA VAL B 17 10.82 -29.18 11.62
C VAL B 17 10.41 -30.30 12.58
N GLU B 18 9.28 -30.07 13.27
CA GLU B 18 8.71 -30.99 14.22
C GLU B 18 7.21 -30.85 14.10
N PRO B 19 6.44 -31.94 14.18
CA PRO B 19 4.99 -31.84 13.98
C PRO B 19 4.31 -30.87 14.92
N SER B 20 4.95 -30.47 16.02
CA SER B 20 4.37 -29.48 16.93
C SER B 20 4.65 -28.05 16.49
N ASP B 21 5.58 -27.84 15.56
CA ASP B 21 5.89 -26.50 15.10
C ASP B 21 4.66 -25.86 14.47
N THR B 22 4.44 -24.59 14.79
CA THR B 22 3.33 -23.87 14.18
C THR B 22 3.73 -23.36 12.81
N ILE B 23 2.71 -22.96 12.03
CA ILE B 23 2.97 -22.47 10.68
C ILE B 23 3.79 -21.19 10.74
N GLU B 24 3.54 -20.35 11.74
CA GLU B 24 4.39 -19.18 11.96
C GLU B 24 5.84 -19.59 12.22
N ASN B 25 6.04 -20.71 12.95
CA ASN B 25 7.39 -21.18 13.20
C ASN B 25 8.05 -21.70 11.93
N VAL B 26 7.27 -22.35 11.06
CA VAL B 26 7.82 -22.87 9.81
C VAL B 26 8.22 -21.72 8.88
N LYS B 27 7.43 -20.65 8.87
CA LYS B 27 7.78 -19.49 8.04
C LYS B 27 9.06 -18.83 8.55
N ALA B 28 9.26 -18.80 9.87
CA ALA B 28 10.50 -18.28 10.43
C ALA B 28 11.70 -19.07 9.94
N LYS B 29 11.56 -20.39 9.79
CA LYS B 29 12.65 -21.20 9.26
C LYS B 29 12.87 -20.92 7.77
N ILE B 30 11.79 -20.62 7.04
CA ILE B 30 11.94 -20.27 5.63
C ILE B 30 12.73 -18.97 5.49
N GLN B 31 12.46 -17.99 6.36
CA GLN B 31 13.21 -16.74 6.33
C GLN B 31 14.70 -16.98 6.58
N ASP B 32 15.01 -17.84 7.56
CA ASP B 32 16.42 -18.12 7.85
C ASP B 32 17.13 -18.71 6.64
N LYS B 33 16.41 -19.49 5.82
CA LYS B 33 16.99 -20.12 4.65
C LYS B 33 16.93 -19.23 3.41
N GLU B 34 15.93 -18.36 3.30
CA GLU B 34 15.70 -17.60 2.07
C GLU B 34 15.65 -16.09 2.25
N GLY B 35 15.63 -15.59 3.48
CA GLY B 35 15.60 -14.15 3.68
C GLY B 35 14.27 -13.51 3.36
N ILE B 36 13.19 -14.28 3.34
CA ILE B 36 11.86 -13.78 3.02
C ILE B 36 11.06 -13.68 4.31
N PRO B 37 10.59 -12.49 4.70
CA PRO B 37 9.86 -12.37 5.96
C PRO B 37 8.57 -13.17 5.91
N PRO B 38 8.11 -13.65 7.07
CA PRO B 38 6.90 -14.48 7.08
C PRO B 38 5.65 -13.76 6.58
N ASP B 39 5.55 -12.45 6.79
CA ASP B 39 4.38 -11.71 6.33
C ASP B 39 4.26 -11.69 4.81
N GLN B 40 5.37 -11.88 4.10
CA GLN B 40 5.37 -12.00 2.65
C GLN B 40 5.25 -13.45 2.19
N GLN B 41 5.13 -14.40 3.11
CA GLN B 41 5.04 -15.82 2.78
C GLN B 41 3.60 -16.31 2.85
N ARG B 42 3.23 -17.12 1.88
CA ARG B 42 1.99 -17.91 1.91
C ARG B 42 2.38 -19.37 1.70
N LEU B 43 1.95 -20.24 2.60
CA LEU B 43 2.25 -21.66 2.50
C LEU B 43 0.99 -22.43 2.11
N ILE B 44 1.14 -23.35 1.16
CA ILE B 44 0.05 -24.19 0.69
C ILE B 44 0.50 -25.64 0.73
N PHE B 45 -0.33 -26.50 1.32
CA PHE B 45 -0.11 -27.93 1.34
C PHE B 45 -1.42 -28.63 1.02
N ALA B 46 -1.39 -29.57 0.08
CA ALA B 46 -2.59 -30.27 -0.38
C ALA B 46 -3.67 -29.30 -0.82
N GLY B 47 -3.26 -28.24 -1.50
CA GLY B 47 -4.19 -27.26 -2.03
C GLY B 47 -4.91 -26.43 -0.99
N LYS B 48 -4.36 -26.32 0.21
CA LYS B 48 -4.99 -25.57 1.29
C LYS B 48 -3.99 -24.57 1.87
N GLN B 49 -4.46 -23.36 2.13
CA GLN B 49 -3.61 -22.32 2.68
C GLN B 49 -3.42 -22.53 4.18
N LEU B 50 -2.17 -22.51 4.62
CA LEU B 50 -1.83 -22.81 6.01
C LEU B 50 -1.90 -21.53 6.84
N GLU B 51 -2.70 -21.55 7.90
CA GLU B 51 -2.87 -20.40 8.76
C GLU B 51 -1.82 -20.41 9.88
N ASP B 52 -1.42 -19.21 10.30
CA ASP B 52 -0.31 -19.07 11.24
C ASP B 52 -0.60 -19.66 12.60
N GLY B 53 -1.88 -19.83 12.96
CA GLY B 53 -2.20 -20.31 14.30
C GLY B 53 -2.05 -21.81 14.47
N ARG B 54 -2.26 -22.58 13.41
CA ARG B 54 -2.23 -24.02 13.52
C ARG B 54 -0.79 -24.54 13.43
N THR B 55 -0.64 -25.84 13.63
CA THR B 55 0.65 -26.52 13.54
C THR B 55 0.70 -27.39 12.30
N LEU B 56 1.88 -27.95 12.05
CA LEU B 56 2.02 -28.94 10.98
C LEU B 56 1.18 -30.17 11.25
N SER B 57 1.01 -30.54 12.52
CA SER B 57 0.18 -31.69 12.87
C SER B 57 -1.28 -31.44 12.52
N ASP B 58 -1.75 -30.20 12.63
CA ASP B 58 -3.14 -29.88 12.32
C ASP B 58 -3.46 -30.09 10.85
N TYR B 59 -2.47 -30.03 9.97
CA TYR B 59 -2.67 -30.19 8.54
C TYR B 59 -2.21 -31.55 8.03
N ASN B 60 -1.86 -32.46 8.93
CA ASN B 60 -1.41 -33.81 8.59
C ASN B 60 -0.14 -33.78 7.73
N ILE B 61 0.71 -32.78 7.97
CA ILE B 61 2.00 -32.72 7.30
C ILE B 61 2.96 -33.65 8.03
N GLN B 62 3.52 -34.60 7.29
CA GLN B 62 4.47 -35.57 7.84
C GLN B 62 5.83 -35.37 7.18
N LYS B 63 6.82 -36.14 7.62
CA LYS B 63 8.16 -36.03 7.08
C LYS B 63 8.16 -36.27 5.57
N GLU B 64 9.00 -35.52 4.87
CA GLU B 64 9.21 -35.56 3.43
C GLU B 64 8.03 -35.02 2.64
N SER B 65 7.04 -34.44 3.30
CA SER B 65 5.95 -33.76 2.60
C SER B 65 6.47 -32.49 1.94
N THR B 66 5.79 -32.08 0.87
CA THR B 66 6.19 -30.91 0.09
C THR B 66 5.17 -29.80 0.26
N LEU B 67 5.62 -28.65 0.75
CA LEU B 67 4.80 -27.45 0.84
C LEU B 67 5.15 -26.51 -0.30
N HIS B 68 4.19 -25.69 -0.71
CA HIS B 68 4.39 -24.71 -1.77
C HIS B 68 4.47 -23.32 -1.16
N LEU B 69 5.49 -22.56 -1.57
CA LEU B 69 5.67 -21.19 -1.10
C LEU B 69 5.14 -20.22 -2.16
N VAL B 70 4.17 -19.41 -1.78
CA VAL B 70 3.65 -18.33 -2.61
C VAL B 70 3.98 -17.02 -1.92
N LEU B 71 4.51 -16.06 -2.68
CA LEU B 71 4.93 -14.79 -2.13
C LEU B 71 3.80 -13.78 -2.18
N ARG B 72 3.47 -13.21 -1.02
CA ARG B 72 2.39 -12.21 -0.93
C ARG B 72 2.99 -10.81 -1.06
N LEU B 73 3.34 -10.48 -2.30
CA LEU B 73 4.07 -9.25 -2.59
C LEU B 73 3.22 -8.19 -3.28
N ARG B 74 1.99 -8.51 -3.69
CA ARG B 74 1.14 -7.57 -4.41
C ARG B 74 -0.20 -7.45 -3.71
N GLY B 75 -0.49 -6.25 -3.19
CA GLY B 75 -1.73 -6.04 -2.45
C GLY B 75 -2.95 -5.84 -3.33
N CYS B 76 -2.78 -5.27 -4.51
CA CYS B 76 -3.88 -5.10 -5.45
C CYS B 76 -3.36 -5.20 -6.87
N MET C 3 9.11 -7.46 20.80
CA MET C 3 9.18 -7.02 19.41
C MET C 3 8.18 -5.91 19.11
N GLY C 4 8.57 -5.01 18.22
CA GLY C 4 7.79 -3.83 17.87
C GLY C 4 6.71 -4.07 16.83
N LYS C 5 6.23 -5.30 16.72
CA LYS C 5 5.26 -5.67 15.69
C LYS C 5 3.85 -5.64 16.27
N ILE C 6 2.92 -5.08 15.49
CA ILE C 6 1.52 -5.00 15.90
C ILE C 6 0.89 -6.39 15.84
N ASP C 7 0.28 -6.81 16.95
CA ASP C 7 -0.41 -8.09 17.03
C ASP C 7 -1.77 -7.96 16.31
N VAL C 8 -1.82 -8.44 15.07
CA VAL C 8 -3.03 -8.27 14.27
C VAL C 8 -4.17 -9.15 14.80
N ASN C 9 -3.84 -10.34 15.32
CA ASN C 9 -4.89 -11.17 15.91
C ASN C 9 -5.53 -10.50 17.12
N ASP C 10 -4.70 -9.92 18.00
CA ASP C 10 -5.24 -9.13 19.10
C ASP C 10 -6.06 -7.96 18.59
N TRP C 11 -5.64 -7.37 17.47
CA TRP C 11 -6.39 -6.30 16.83
C TRP C 11 -7.75 -6.78 16.35
N LYS C 12 -7.77 -7.92 15.66
CA LYS C 12 -9.03 -8.44 15.10
C LYS C 12 -10.01 -8.84 16.19
N VAL C 13 -9.54 -9.57 17.20
CA VAL C 13 -10.44 -10.07 18.23
C VAL C 13 -11.04 -8.94 19.07
N ASN C 14 -10.36 -7.80 19.13
CA ASN C 14 -10.83 -6.66 19.90
C ASN C 14 -11.34 -5.53 19.01
N THR C 15 -11.76 -5.86 17.80
CA THR C 15 -12.36 -4.88 16.89
C THR C 15 -13.86 -5.09 16.86
N ARG C 16 -14.61 -4.03 17.14
CA ARG C 16 -16.06 -4.05 17.03
C ARG C 16 -16.50 -3.53 15.67
N LEU C 17 -17.66 -4.01 15.21
CA LEU C 17 -18.20 -3.64 13.91
C LEU C 17 -19.53 -2.92 14.09
N LYS C 18 -19.75 -1.88 13.29
CA LYS C 18 -20.98 -1.09 13.36
C LYS C 18 -21.62 -1.07 11.98
N HIS C 19 -22.89 -1.53 11.92
CA HIS C 19 -23.64 -1.65 10.66
C HIS C 19 -22.91 -2.54 9.67
N ALA C 20 -22.33 -3.62 10.17
CA ALA C 20 -21.62 -4.60 9.36
C ALA C 20 -21.40 -5.84 10.21
N THR C 21 -21.14 -6.96 9.53
CA THR C 21 -20.83 -8.22 10.19
C THR C 21 -19.47 -8.70 9.71
N PRO C 22 -18.88 -9.75 10.31
CA PRO C 22 -17.63 -10.28 9.77
C PRO C 22 -17.74 -10.77 8.33
N ASP C 23 -18.95 -11.00 7.83
CA ASP C 23 -19.16 -11.39 6.44
C ASP C 23 -19.34 -10.20 5.51
N SER C 24 -19.44 -8.98 6.05
CA SER C 24 -19.59 -7.81 5.21
C SER C 24 -18.34 -7.58 4.37
N ASN C 25 -18.53 -7.14 3.12
CA ASN C 25 -17.43 -7.02 2.17
C ASN C 25 -16.36 -6.06 2.69
N ILE C 26 -16.78 -4.88 3.15
CA ILE C 26 -15.79 -3.90 3.60
C ILE C 26 -15.06 -4.39 4.84
N VAL C 27 -15.66 -5.29 5.61
CA VAL C 27 -14.96 -5.88 6.75
C VAL C 27 -13.93 -6.90 6.28
N LYS C 28 -14.36 -7.83 5.40
CA LYS C 28 -13.42 -8.80 4.85
C LYS C 28 -12.32 -8.12 4.05
N TRP C 29 -12.67 -7.10 3.26
CA TRP C 29 -11.67 -6.39 2.47
C TRP C 29 -10.73 -5.57 3.36
N PHE C 30 -11.26 -5.02 4.46
CA PHE C 30 -10.42 -4.27 5.39
C PHE C 30 -9.30 -5.14 5.93
N TRP C 31 -9.63 -6.34 6.42
CA TRP C 31 -8.62 -7.19 7.05
C TRP C 31 -7.68 -7.83 6.03
N LYS C 32 -8.17 -8.15 4.84
CA LYS C 32 -7.26 -8.58 3.77
C LYS C 32 -6.26 -7.49 3.46
N ALA C 33 -6.72 -6.23 3.42
CA ALA C 33 -5.81 -5.11 3.20
C ALA C 33 -4.78 -5.01 4.32
N VAL C 34 -5.22 -5.18 5.57
CA VAL C 34 -4.31 -5.15 6.70
C VAL C 34 -3.26 -6.27 6.57
N GLU C 35 -3.68 -7.43 6.09
CA GLU C 35 -2.75 -8.55 5.93
C GLU C 35 -1.66 -8.24 4.90
N PHE C 36 -1.97 -7.44 3.89
CA PHE C 36 -0.99 -7.06 2.88
C PHE C 36 -0.26 -5.77 3.24
N PHE C 37 -0.68 -5.07 4.28
CA PHE C 37 0.07 -3.91 4.76
C PHE C 37 1.35 -4.37 5.45
N ASP C 38 2.47 -3.75 5.11
CA ASP C 38 3.68 -3.95 5.89
C ASP C 38 3.54 -3.22 7.23
N GLU C 39 4.58 -3.32 8.07
CA GLU C 39 4.48 -2.81 9.42
C GLU C 39 4.26 -1.30 9.45
N GLU C 40 4.90 -0.57 8.54
CA GLU C 40 4.71 0.88 8.49
C GLU C 40 3.25 1.24 8.22
N ARG C 41 2.65 0.60 7.22
CA ARG C 41 1.26 0.90 6.89
C ARG C 41 0.30 0.46 7.99
N ARG C 42 0.62 -0.63 8.68
CA ARG C 42 -0.19 -1.04 9.83
C ARG C 42 -0.14 0.00 10.94
N ALA C 43 1.05 0.51 11.24
CA ALA C 43 1.18 1.57 12.24
C ALA C 43 0.51 2.85 11.75
N ARG C 44 0.68 3.19 10.47
CA ARG C 44 0.02 4.37 9.93
C ARG C 44 -1.50 4.23 9.98
N LEU C 45 -2.01 3.00 9.82
CA LEU C 45 -3.45 2.78 9.94
C LEU C 45 -3.92 2.92 11.38
N LEU C 46 -3.18 2.33 12.32
CA LEU C 46 -3.50 2.49 13.73
C LEU C 46 -3.46 3.95 14.13
N GLN C 47 -2.51 4.71 13.56
CA GLN C 47 -2.41 6.13 13.86
C GLN C 47 -3.56 6.92 13.23
N PHE C 48 -3.97 6.52 12.02
CA PHE C 48 -5.09 7.18 11.37
C PHE C 48 -6.38 7.06 12.20
N VAL C 49 -6.64 5.87 12.74
CA VAL C 49 -7.91 5.61 13.41
C VAL C 49 -7.88 6.03 14.88
N THR C 50 -6.74 5.89 15.56
CA THR C 50 -6.68 6.10 17.00
C THR C 50 -5.86 7.32 17.41
N GLY C 51 -5.04 7.86 16.51
CA GLY C 51 -4.19 8.99 16.82
C GLY C 51 -2.76 8.65 17.17
N SER C 52 -2.44 7.37 17.38
CA SER C 52 -1.07 6.96 17.63
C SER C 52 -0.88 5.51 17.20
N SER C 53 0.39 5.15 17.01
CA SER C 53 0.80 3.80 16.71
C SER C 53 1.07 3.00 17.98
N ARG C 54 0.76 3.57 19.14
CA ARG C 54 1.02 2.92 20.41
C ARG C 54 -0.16 2.06 20.82
N VAL C 55 0.13 0.84 21.24
CA VAL C 55 -0.86 -0.08 21.77
C VAL C 55 -0.82 0.06 23.28
N PRO C 56 -1.95 -0.03 23.97
CA PRO C 56 -1.91 -0.07 25.44
C PRO C 56 -1.12 -1.28 25.92
N LEU C 57 -0.73 -1.24 27.19
CA LEU C 57 0.10 -2.30 27.73
C LEU C 57 -0.64 -3.64 27.73
N GLN C 58 -1.95 -3.61 27.90
CA GLN C 58 -2.78 -4.82 27.91
C GLN C 58 -3.34 -5.17 26.53
N GLY C 59 -2.90 -4.51 25.48
CA GLY C 59 -3.34 -4.85 24.14
C GLY C 59 -4.60 -4.10 23.72
N PHE C 60 -5.16 -4.55 22.59
CA PHE C 60 -6.28 -3.86 21.98
C PHE C 60 -7.57 -3.97 22.79
N LYS C 61 -7.66 -4.91 23.73
CA LYS C 61 -8.84 -4.97 24.58
C LYS C 61 -8.93 -3.77 25.51
N ALA C 62 -7.80 -3.11 25.77
CA ALA C 62 -7.75 -1.94 26.65
C ALA C 62 -7.67 -0.64 25.86
N LEU C 63 -8.00 -0.64 24.58
CA LEU C 63 -7.91 0.57 23.77
C LEU C 63 -8.81 1.66 24.35
N GLN C 64 -8.26 2.86 24.47
CA GLN C 64 -8.95 3.96 25.13
C GLN C 64 -9.26 5.08 24.14
N GLY C 65 -10.41 5.74 24.36
CA GLY C 65 -10.74 6.96 23.69
C GLY C 65 -10.55 8.17 24.57
N ALA C 66 -10.97 9.33 24.04
CA ALA C 66 -10.88 10.56 24.81
C ALA C 66 -11.75 10.52 26.07
N ALA C 67 -12.90 9.84 25.98
CA ALA C 67 -13.87 9.81 27.07
C ALA C 67 -14.03 8.41 27.66
N GLY C 68 -13.04 7.54 27.52
CA GLY C 68 -13.09 6.25 28.15
C GLY C 68 -12.81 5.08 27.21
N PRO C 69 -13.15 3.87 27.66
CA PRO C 69 -12.84 2.68 26.86
C PRO C 69 -13.58 2.70 25.53
N ARG C 70 -12.80 2.66 24.44
CA ARG C 70 -13.36 2.67 23.09
C ARG C 70 -12.58 1.63 22.28
N LEU C 71 -13.21 0.48 22.03
CA LEU C 71 -12.58 -0.54 21.21
C LEU C 71 -12.51 -0.07 19.75
N PHE C 72 -11.48 -0.54 19.06
CA PHE C 72 -11.33 -0.26 17.64
C PHE C 72 -12.60 -0.67 16.89
N THR C 73 -13.14 0.25 16.10
CA THR C 73 -14.46 0.06 15.49
C THR C 73 -14.41 0.38 14.01
N ILE C 74 -14.80 -0.60 13.19
CA ILE C 74 -15.06 -0.38 11.77
C ILE C 74 -16.55 -0.10 11.60
N HIS C 75 -16.88 1.04 11.01
CA HIS C 75 -18.26 1.47 10.87
C HIS C 75 -18.55 1.66 9.39
N GLN C 76 -19.42 0.81 8.84
CA GLN C 76 -19.88 0.95 7.48
C GLN C 76 -20.94 2.06 7.43
N ILE C 77 -20.71 3.05 6.58
CA ILE C 77 -21.55 4.24 6.54
C ILE C 77 -22.28 4.32 5.22
N ASP C 78 -23.42 5.03 5.24
CA ASP C 78 -24.17 5.31 4.01
C ASP C 78 -23.63 6.62 3.44
N ALA C 79 -22.55 6.49 2.67
CA ALA C 79 -21.87 7.64 2.11
C ALA C 79 -21.50 7.34 0.65
N ASN C 80 -21.17 8.42 -0.07
CA ASN C 80 -20.73 8.28 -1.45
C ASN C 80 -19.42 7.50 -1.51
N THR C 81 -19.38 6.50 -2.39
CA THR C 81 -18.25 5.57 -2.41
C THR C 81 -16.96 6.19 -2.91
N ASN C 82 -16.97 7.44 -3.37
CA ASN C 82 -15.72 8.12 -3.67
C ASN C 82 -15.03 8.66 -2.41
N ASN C 83 -15.78 8.80 -1.31
CA ASN C 83 -15.21 9.30 -0.07
C ASN C 83 -14.09 8.40 0.42
N LEU C 84 -12.98 9.01 0.82
CA LEU C 84 -11.95 8.26 1.53
C LEU C 84 -12.47 7.94 2.93
N PRO C 85 -11.88 6.94 3.60
CA PRO C 85 -12.31 6.63 4.96
C PRO C 85 -12.16 7.83 5.90
N LYS C 86 -13.13 7.96 6.79
CA LYS C 86 -13.12 8.95 7.86
C LYS C 86 -12.70 8.29 9.17
N ALA C 87 -12.01 9.06 10.00
CA ALA C 87 -11.55 8.59 11.30
C ALA C 87 -12.05 9.53 12.39
N HIS C 88 -12.38 8.94 13.53
CA HIS C 88 -12.74 9.67 14.74
C HIS C 88 -11.80 9.16 15.82
N THR C 89 -10.62 9.79 15.94
CA THR C 89 -9.59 9.26 16.82
C THR C 89 -9.96 9.37 18.29
N CYS C 90 -10.88 10.27 18.64
CA CYS C 90 -11.26 10.40 20.04
C CYS C 90 -12.13 9.24 20.52
N PHE C 91 -12.64 8.40 19.61
CA PHE C 91 -13.23 7.13 20.03
C PHE C 91 -12.87 6.00 19.05
N ASN C 92 -11.73 6.11 18.37
CA ASN C 92 -11.08 5.00 17.67
C ASN C 92 -12.01 4.32 16.66
N ARG C 93 -12.70 5.13 15.86
CA ARG C 93 -13.61 4.60 14.86
C ARG C 93 -13.17 5.04 13.48
N ILE C 94 -13.29 4.14 12.51
CA ILE C 94 -13.06 4.45 11.10
C ILE C 94 -14.38 4.22 10.36
N ASP C 95 -14.81 5.23 9.63
CA ASP C 95 -16.05 5.19 8.86
C ASP C 95 -15.70 4.90 7.41
N ILE C 96 -16.21 3.78 6.90
CA ILE C 96 -15.83 3.26 5.59
C ILE C 96 -17.08 3.19 4.72
N PRO C 97 -17.09 3.84 3.55
CA PRO C 97 -18.24 3.74 2.66
C PRO C 97 -18.40 2.32 2.14
N PRO C 98 -19.58 1.95 1.63
CA PRO C 98 -19.76 0.58 1.12
C PRO C 98 -19.10 0.45 -0.25
N TYR C 99 -17.77 0.36 -0.23
CA TYR C 99 -17.01 0.31 -1.46
C TYR C 99 -17.43 -0.89 -2.31
N GLU C 100 -17.37 -0.71 -3.63
CA GLU C 100 -17.86 -1.73 -4.55
C GLU C 100 -16.85 -2.84 -4.77
N SER C 101 -15.57 -2.62 -4.47
CA SER C 101 -14.56 -3.63 -4.69
C SER C 101 -13.48 -3.53 -3.62
N TYR C 102 -12.74 -4.62 -3.46
CA TYR C 102 -11.56 -4.61 -2.60
C TYR C 102 -10.52 -3.63 -3.12
N GLU C 103 -10.37 -3.55 -4.45
CA GLU C 103 -9.41 -2.61 -5.03
C GLU C 103 -9.67 -1.19 -4.58
N LYS C 104 -10.94 -0.78 -4.60
CA LYS C 104 -11.27 0.60 -4.25
C LYS C 104 -10.99 0.86 -2.77
N LEU C 105 -11.50 -0.02 -1.89
CA LEU C 105 -11.21 0.11 -0.46
C LEU C 105 -9.71 0.14 -0.22
N TYR C 106 -8.97 -0.75 -0.87
CA TYR C 106 -7.53 -0.82 -0.67
C TYR C 106 -6.85 0.50 -1.00
N GLU C 107 -7.15 1.08 -2.17
CA GLU C 107 -6.51 2.32 -2.56
C GLU C 107 -7.00 3.49 -1.71
N LYS C 108 -8.33 3.58 -1.49
CA LYS C 108 -8.86 4.65 -0.66
C LYS C 108 -8.24 4.63 0.73
N LEU C 109 -8.18 3.45 1.36
CA LEU C 109 -7.60 3.33 2.69
C LEU C 109 -6.13 3.71 2.69
N LEU C 110 -5.37 3.20 1.71
CA LEU C 110 -3.96 3.55 1.60
C LEU C 110 -3.77 5.05 1.43
N THR C 111 -4.61 5.68 0.62
CA THR C 111 -4.55 7.13 0.47
C THR C 111 -4.88 7.83 1.78
N ALA C 112 -5.86 7.31 2.51
CA ALA C 112 -6.27 7.92 3.78
C ALA C 112 -5.15 7.84 4.81
N ILE C 113 -4.53 6.67 4.98
CA ILE C 113 -3.54 6.52 6.03
C ILE C 113 -2.17 7.05 5.63
N GLU C 114 -1.90 7.21 4.34
CA GLU C 114 -0.59 7.71 3.92
C GLU C 114 -0.56 9.23 3.74
N GLU C 115 -1.69 9.87 3.44
CA GLU C 115 -1.70 11.30 3.13
C GLU C 115 -2.34 12.14 4.24
N THR C 116 -2.45 11.62 5.45
CA THR C 116 -3.04 12.37 6.56
C THR C 116 -2.00 12.57 7.65
N SER C 117 -1.71 13.83 7.98
CA SER C 117 -0.83 14.14 9.09
C SER C 117 -1.60 14.19 10.40
N GLY C 118 -2.81 14.74 10.37
CA GLY C 118 -3.59 14.92 11.57
C GLY C 118 -2.88 15.78 12.59
N PHE C 119 -2.65 17.04 12.23
CA PHE C 119 -2.08 18.16 13.01
C PHE C 119 -1.07 18.93 12.14
N MET D 1 -3.64 27.77 -18.11
CA MET D 1 -2.34 27.72 -17.45
C MET D 1 -2.17 26.42 -16.67
N GLN D 2 -1.16 26.39 -15.78
CA GLN D 2 -0.83 25.19 -15.03
C GLN D 2 -0.53 25.56 -13.59
N ILE D 3 -1.15 24.83 -12.66
CA ILE D 3 -0.83 24.94 -11.24
C ILE D 3 -0.58 23.55 -10.70
N PHE D 4 0.10 23.48 -9.55
CA PHE D 4 0.44 22.22 -8.92
C PHE D 4 -0.25 22.14 -7.57
N VAL D 5 -0.68 20.93 -7.21
CA VAL D 5 -1.30 20.67 -5.92
C VAL D 5 -0.48 19.59 -5.23
N LYS D 6 0.24 19.99 -4.17
CA LYS D 6 1.14 19.10 -3.45
C LYS D 6 0.42 18.52 -2.25
N THR D 7 0.41 17.19 -2.15
CA THR D 7 -0.23 16.50 -1.04
C THR D 7 0.72 16.49 0.16
N LEU D 8 0.33 15.77 1.20
CA LEU D 8 1.13 15.73 2.42
C LEU D 8 2.45 14.98 2.23
N THR D 9 2.46 13.95 1.38
CA THR D 9 3.66 13.16 1.15
C THR D 9 4.52 13.72 0.02
N GLY D 10 4.29 14.96 -0.39
CA GLY D 10 5.02 15.52 -1.50
C GLY D 10 4.47 15.15 -2.85
N LYS D 11 3.47 14.26 -2.91
CA LYS D 11 2.84 13.91 -4.16
C LYS D 11 2.24 15.15 -4.80
N THR D 12 2.64 15.43 -6.04
CA THR D 12 2.24 16.64 -6.73
C THR D 12 1.25 16.29 -7.83
N ILE D 13 0.15 17.05 -7.88
CA ILE D 13 -0.88 16.86 -8.89
C ILE D 13 -0.86 18.09 -9.78
N THR D 14 -0.74 17.88 -11.08
CA THR D 14 -0.68 18.97 -12.05
C THR D 14 -2.06 19.18 -12.66
N LEU D 15 -2.58 20.39 -12.50
CA LEU D 15 -3.88 20.75 -13.05
C LEU D 15 -3.70 21.85 -14.08
N GLU D 16 -4.50 21.81 -15.14
CA GLU D 16 -4.59 22.88 -16.12
C GLU D 16 -5.81 23.72 -15.79
N VAL D 17 -5.58 24.97 -15.40
CA VAL D 17 -6.63 25.84 -14.89
C VAL D 17 -6.57 27.18 -15.64
N GLU D 18 -7.42 28.10 -15.20
CA GLU D 18 -7.57 29.43 -15.77
C GLU D 18 -7.87 30.37 -14.61
N PRO D 19 -7.32 31.58 -14.61
CA PRO D 19 -7.51 32.49 -13.45
C PRO D 19 -8.96 32.75 -13.09
N SER D 20 -9.91 32.47 -13.99
CA SER D 20 -11.32 32.63 -13.66
C SER D 20 -11.91 31.43 -12.94
N ASP D 21 -11.21 30.29 -12.91
CA ASP D 21 -11.71 29.11 -12.24
C ASP D 21 -11.91 29.38 -10.74
N THR D 22 -13.03 28.89 -10.21
CA THR D 22 -13.31 28.98 -8.79
C THR D 22 -12.62 27.83 -8.04
N ILE D 23 -12.51 27.99 -6.73
CA ILE D 23 -11.89 26.96 -5.89
C ILE D 23 -12.69 25.67 -5.93
N GLU D 24 -14.02 25.79 -5.97
CA GLU D 24 -14.86 24.60 -6.15
C GLU D 24 -14.54 23.89 -7.46
N ASN D 25 -14.25 24.65 -8.52
CA ASN D 25 -13.89 24.04 -9.79
C ASN D 25 -12.54 23.36 -9.71
N VAL D 26 -11.60 23.95 -8.96
CA VAL D 26 -10.27 23.34 -8.82
C VAL D 26 -10.37 22.00 -8.10
N LYS D 27 -11.25 21.92 -7.10
CA LYS D 27 -11.47 20.65 -6.42
C LYS D 27 -12.10 19.62 -7.35
N ALA D 28 -12.98 20.08 -8.24
CA ALA D 28 -13.55 19.18 -9.25
C ALA D 28 -12.46 18.60 -10.14
N LYS D 29 -11.46 19.41 -10.49
CA LYS D 29 -10.35 18.91 -11.31
C LYS D 29 -9.46 17.97 -10.51
N ILE D 30 -9.29 18.22 -9.20
CA ILE D 30 -8.54 17.31 -8.36
C ILE D 30 -9.25 15.97 -8.25
N GLN D 31 -10.58 16.00 -8.11
CA GLN D 31 -11.35 14.76 -8.02
C GLN D 31 -11.21 13.93 -9.31
N ASP D 32 -11.29 14.58 -10.47
CA ASP D 32 -11.19 13.86 -11.73
C ASP D 32 -9.86 13.16 -11.88
N LYS D 33 -8.78 13.74 -11.32
CA LYS D 33 -7.46 13.15 -11.45
C LYS D 33 -7.15 12.15 -10.35
N GLU D 34 -7.68 12.33 -9.14
CA GLU D 34 -7.33 11.49 -8.00
C GLU D 34 -8.51 10.83 -7.29
N GLY D 35 -9.74 11.16 -7.64
CA GLY D 35 -10.88 10.50 -7.02
C GLY D 35 -11.22 10.94 -5.61
N ILE D 36 -10.82 12.13 -5.21
CA ILE D 36 -11.05 12.64 -3.86
C ILE D 36 -12.21 13.63 -3.92
N PRO D 37 -13.31 13.39 -3.19
CA PRO D 37 -14.44 14.31 -3.26
C PRO D 37 -14.05 15.68 -2.74
N PRO D 38 -14.67 16.74 -3.25
CA PRO D 38 -14.31 18.10 -2.81
C PRO D 38 -14.55 18.35 -1.33
N ASP D 39 -15.58 17.74 -0.75
CA ASP D 39 -15.87 17.97 0.67
C ASP D 39 -14.77 17.43 1.58
N GLN D 40 -13.98 16.47 1.11
CA GLN D 40 -12.82 16.00 1.87
C GLN D 40 -11.55 16.74 1.51
N GLN D 41 -11.61 17.71 0.60
CA GLN D 41 -10.44 18.46 0.19
C GLN D 41 -10.39 19.81 0.89
N ARG D 42 -9.21 20.20 1.35
CA ARG D 42 -8.94 21.56 1.76
C ARG D 42 -7.70 22.03 1.04
N LEU D 43 -7.81 23.17 0.37
CA LEU D 43 -6.73 23.72 -0.44
C LEU D 43 -6.11 24.91 0.28
N ILE D 44 -4.78 24.97 0.27
CA ILE D 44 -4.03 26.02 0.95
C ILE D 44 -3.05 26.63 -0.04
N PHE D 45 -3.02 27.95 -0.11
CA PHE D 45 -2.06 28.66 -0.93
C PHE D 45 -1.50 29.82 -0.12
N ALA D 46 -0.17 29.92 -0.07
CA ALA D 46 0.51 30.93 0.73
C ALA D 46 0.03 30.90 2.19
N GLY D 47 -0.19 29.69 2.70
CA GLY D 47 -0.61 29.53 4.08
C GLY D 47 -2.02 29.98 4.37
N LYS D 48 -2.90 30.03 3.37
CA LYS D 48 -4.27 30.48 3.57
C LYS D 48 -5.24 29.47 3.00
N GLN D 49 -6.33 29.24 3.74
CA GLN D 49 -7.36 28.29 3.30
C GLN D 49 -8.21 28.92 2.22
N LEU D 50 -8.36 28.20 1.10
CA LEU D 50 -9.08 28.71 -0.06
C LEU D 50 -10.56 28.39 0.06
N GLU D 51 -11.40 29.40 -0.02
CA GLU D 51 -12.84 29.24 0.10
C GLU D 51 -13.46 28.93 -1.26
N ASP D 52 -14.54 28.15 -1.23
CA ASP D 52 -15.15 27.64 -2.45
C ASP D 52 -15.74 28.75 -3.32
N GLY D 53 -16.06 29.91 -2.73
CA GLY D 53 -16.72 30.96 -3.49
C GLY D 53 -15.80 31.78 -4.37
N ARG D 54 -14.55 31.94 -3.96
CA ARG D 54 -13.63 32.81 -4.68
C ARG D 54 -13.03 32.09 -5.88
N THR D 55 -12.26 32.83 -6.67
CA THR D 55 -11.55 32.31 -7.82
C THR D 55 -10.05 32.26 -7.53
N LEU D 56 -9.31 31.65 -8.46
CA LEU D 56 -7.85 31.67 -8.36
C LEU D 56 -7.30 33.09 -8.45
N SER D 57 -7.98 33.96 -9.21
CA SER D 57 -7.56 35.35 -9.30
C SER D 57 -7.70 36.08 -7.97
N ASP D 58 -8.71 35.72 -7.18
CA ASP D 58 -8.89 36.36 -5.88
C ASP D 58 -7.76 36.09 -4.92
N TYR D 59 -7.02 34.99 -5.11
CA TYR D 59 -5.93 34.62 -4.24
C TYR D 59 -4.57 34.87 -4.87
N ASN D 60 -4.52 35.51 -6.04
CA ASN D 60 -3.27 35.82 -6.73
C ASN D 60 -2.48 34.55 -7.08
N ILE D 61 -3.19 33.47 -7.36
CA ILE D 61 -2.57 32.24 -7.85
C ILE D 61 -2.30 32.42 -9.34
N GLN D 62 -1.05 32.26 -9.74
CA GLN D 62 -0.64 32.40 -11.12
C GLN D 62 -0.15 31.06 -11.64
N LYS D 63 0.21 31.02 -12.93
CA LYS D 63 0.71 29.78 -13.52
C LYS D 63 1.94 29.31 -12.76
N GLU D 64 2.07 27.99 -12.64
CA GLU D 64 3.17 27.33 -11.93
C GLU D 64 3.09 27.52 -10.42
N SER D 65 2.02 28.12 -9.91
CA SER D 65 1.84 28.21 -8.47
C SER D 65 1.60 26.84 -7.87
N THR D 66 2.00 26.68 -6.61
CA THR D 66 1.87 25.42 -5.90
C THR D 66 0.86 25.59 -4.77
N LEU D 67 -0.22 24.82 -4.84
CA LEU D 67 -1.21 24.75 -3.77
C LEU D 67 -0.99 23.48 -2.98
N HIS D 68 -1.38 23.50 -1.71
CA HIS D 68 -1.25 22.34 -0.84
C HIS D 68 -2.63 21.74 -0.59
N LEU D 69 -2.72 20.42 -0.73
CA LEU D 69 -3.95 19.68 -0.50
C LEU D 69 -3.89 19.03 0.88
N VAL D 70 -4.85 19.36 1.73
CA VAL D 70 -4.99 18.73 3.03
C VAL D 70 -6.28 17.93 3.02
N LEU D 71 -6.21 16.67 3.46
CA LEU D 71 -7.36 15.79 3.45
C LEU D 71 -8.10 15.93 4.78
N ARG D 72 -9.39 16.23 4.71
CA ARG D 72 -10.23 16.44 5.88
C ARG D 72 -10.89 15.11 6.25
N LEU D 73 -10.08 14.20 6.79
CA LEU D 73 -10.50 12.84 7.04
C LEU D 73 -10.66 12.49 8.52
N ARG D 74 -10.26 13.36 9.44
CA ARG D 74 -10.35 13.09 10.86
C ARG D 74 -11.18 14.16 11.54
N GLY D 75 -12.32 13.77 12.11
CA GLY D 75 -13.18 14.73 12.78
C GLY D 75 -12.73 15.06 14.18
N CYS D 76 -12.13 14.11 14.88
CA CYS D 76 -11.59 14.35 16.22
C CYS D 76 -10.37 13.48 16.46
#